data_5MFZ
#
_entry.id   5MFZ
#
_cell.length_a   91.364
_cell.length_b   91.364
_cell.length_c   144.212
_cell.angle_alpha   90.00
_cell.angle_beta   90.00
_cell.angle_gamma   120.00
#
_symmetry.space_group_name_H-M   'P 63'
#
loop_
_entity.id
_entity.type
_entity.pdbx_description
1 polymer 'NAD-dependent protein deacetylase sirtuin-6'
2 non-polymer '[(2R,3S,4R,5R)-5-(6-AMINOPURIN-9-YL)-3,4-DIHYDROXY-OXOLAN-2-YL]METHYL [HYDROXY-[[(2R,3S,4R,5S)-3,4,5-TRIHYDROXYOXOLAN-2-YL]METHOXY]PHOSPHORYL] HYDROGEN PHOSPHATE'
3 non-polymer 'ZINC ION'
4 non-polymer 'SULFATE ION'
5 non-polymer 1-pyrrolo[1,2-a]quinoxalin-4-ylnaphthalen-2-ol
6 non-polymer 1,2-ETHANEDIOL
7 water water
#
_entity_poly.entity_id   1
_entity_poly.type   'polypeptide(L)'
_entity_poly.pdbx_seq_one_letter_code
;GIDPFTADKGKCGLPEIFDPPEELERKVWELARLVWQSSSVVFHTGAGISTASGIPDFRGPHGVWTMEERGLAPKFDTTF
ESARPTQTHMALVQLERVGLLRFLVSQNVDGLHVRSGFPRDKLAELHGNMFVEECAKCKTQYVRDTVVGTMGLKATGRLC
TVAKARGLRACRGELRDTILDWEDSLPDRDLALADEASRNADLSITLGTSLQIRPSGNLPLATKRRGGRLVIVNLQPTKH
DRHADLRIHGYVDEVMTRLMKHLGLEIPAWDGPRVLERALPPLPRPPTPKLEPKEESPTRIN
;
_entity_poly.pdbx_strand_id   A,B
#
# COMPACT_ATOMS: atom_id res chain seq x y z
N PRO A 4 -10.75 18.53 24.36
CA PRO A 4 -10.96 17.08 24.03
C PRO A 4 -11.87 16.80 22.79
N PHE A 5 -13.02 17.46 22.80
CA PHE A 5 -14.00 17.52 21.73
C PHE A 5 -13.86 18.83 20.96
N THR A 6 -13.34 19.86 21.63
CA THR A 6 -12.87 21.07 20.97
C THR A 6 -11.32 21.17 20.95
N ALA A 7 -10.58 20.05 21.09
CA ALA A 7 -9.17 20.01 20.71
C ALA A 7 -9.02 20.66 19.34
N ASP A 8 -8.03 21.58 19.18
CA ASP A 8 -7.64 22.23 17.90
C ASP A 8 -6.95 21.28 16.91
N LYS A 9 -7.68 20.98 15.84
CA LYS A 9 -7.26 20.02 14.89
C LYS A 9 -6.45 20.69 13.74
N GLY A 10 -6.34 22.01 13.75
CA GLY A 10 -5.50 22.80 12.85
C GLY A 10 -6.20 23.08 11.52
N LYS A 11 -5.40 23.28 10.50
CA LYS A 11 -5.91 23.49 9.16
C LYS A 11 -5.99 22.21 8.36
N CYS A 12 -7.17 21.95 7.81
CA CYS A 12 -7.53 20.60 7.35
C CYS A 12 -7.97 20.70 5.98
N GLY A 13 -7.67 19.71 5.16
CA GLY A 13 -8.19 19.67 3.69
C GLY A 13 -7.76 20.87 2.81
N LEU A 14 -6.55 21.40 3.02
CA LEU A 14 -5.94 22.36 2.12
C LEU A 14 -5.64 21.68 0.81
N PRO A 15 -5.65 22.47 -0.28
CA PRO A 15 -5.42 21.94 -1.60
C PRO A 15 -4.05 21.31 -1.77
N GLU A 16 -4.03 20.30 -2.59
CA GLU A 16 -2.84 19.53 -2.82
C GLU A 16 -2.10 20.24 -3.93
N ILE A 17 -0.75 20.12 -3.95
CA ILE A 17 0.14 20.69 -5.00
C ILE A 17 0.86 19.55 -5.76
N PHE A 18 0.97 19.63 -7.08
CA PHE A 18 1.69 18.60 -7.84
C PHE A 18 2.77 19.31 -8.59
N ASP A 19 4.02 19.19 -8.19
CA ASP A 19 5.14 19.65 -9.03
C ASP A 19 5.05 18.90 -10.31
N PRO A 20 5.14 19.62 -11.45
CA PRO A 20 5.09 18.84 -12.64
C PRO A 20 6.40 18.02 -12.77
N PRO A 21 6.36 17.05 -13.65
CA PRO A 21 7.41 16.05 -13.80
C PRO A 21 8.90 16.53 -13.91
N GLU A 22 9.19 17.49 -14.78
CA GLU A 22 10.54 17.97 -14.94
C GLU A 22 10.99 18.72 -13.73
N GLU A 23 10.07 19.44 -13.08
CA GLU A 23 10.43 20.18 -11.87
C GLU A 23 10.67 19.19 -10.68
N LEU A 24 9.89 18.13 -10.70
CA LEU A 24 9.94 17.07 -9.73
C LEU A 24 11.25 16.29 -9.84
N GLU A 25 11.62 15.87 -11.05
CA GLU A 25 13.02 15.33 -11.32
C GLU A 25 14.16 16.23 -10.87
N ARG A 26 14.08 17.49 -11.23
CA ARG A 26 15.09 18.43 -10.83
C ARG A 26 15.16 18.54 -9.32
N LYS A 27 14.02 18.57 -8.62
CA LYS A 27 14.08 18.71 -7.15
C LYS A 27 14.57 17.40 -6.50
N VAL A 28 14.30 16.24 -7.06
CA VAL A 28 14.72 15.02 -6.36
C VAL A 28 16.25 14.84 -6.56
N TRP A 29 16.79 15.28 -7.70
CA TRP A 29 18.26 15.40 -7.93
C TRP A 29 18.89 16.29 -6.95
N GLU A 30 18.27 17.41 -6.66
CA GLU A 30 18.82 18.30 -5.61
C GLU A 30 18.79 17.75 -4.19
N LEU A 31 17.70 17.08 -3.83
CA LEU A 31 17.65 16.30 -2.59
C LEU A 31 18.81 15.22 -2.55
N ALA A 32 19.05 14.53 -3.64
CA ALA A 32 20.25 13.59 -3.70
C ALA A 32 21.54 14.28 -3.39
N ARG A 33 21.73 15.44 -4.04
CA ARG A 33 22.82 16.33 -3.76
C ARG A 33 22.98 16.66 -2.30
N LEU A 34 21.91 17.05 -1.66
CA LEU A 34 22.05 17.38 -0.25
C LEU A 34 22.30 16.10 0.60
N VAL A 35 21.73 14.99 0.22
CA VAL A 35 21.99 13.82 1.03
C VAL A 35 23.49 13.59 0.92
N TRP A 36 24.01 13.70 -0.29
CA TRP A 36 25.46 13.33 -0.52
C TRP A 36 26.35 14.23 0.30
N GLN A 37 26.06 15.53 0.33
CA GLN A 37 26.82 16.53 1.09
C GLN A 37 26.63 16.56 2.57
N SER A 38 25.70 15.83 3.16
CA SER A 38 25.46 15.99 4.62
C SER A 38 26.15 14.96 5.46
N SER A 39 26.65 15.36 6.62
CA SER A 39 27.24 14.47 7.60
C SER A 39 26.20 13.83 8.52
N SER A 40 25.06 14.49 8.72
CA SER A 40 24.05 13.99 9.64
C SER A 40 22.59 14.25 9.20
N VAL A 41 21.93 13.21 8.62
CA VAL A 41 20.58 13.32 8.02
C VAL A 41 19.52 12.74 8.98
N VAL A 42 18.54 13.57 9.37
CA VAL A 42 17.45 13.19 10.18
C VAL A 42 16.16 13.34 9.39
N PHE A 43 15.35 12.28 9.45
CA PHE A 43 14.13 12.23 8.69
C PHE A 43 13.01 12.39 9.69
N HIS A 44 11.98 13.15 9.29
CA HIS A 44 10.80 13.35 10.13
C HIS A 44 9.60 12.82 9.42
N THR A 45 8.87 11.86 9.98
CA THR A 45 7.75 11.35 9.16
C THR A 45 6.37 11.60 9.87
N GLY A 46 5.35 11.76 9.05
CA GLY A 46 3.96 11.75 9.52
C GLY A 46 3.08 10.88 8.66
N ALA A 47 1.78 11.10 8.76
CA ALA A 47 0.78 10.18 8.41
C ALA A 47 0.65 9.95 6.99
N GLY A 48 1.14 10.91 6.19
CA GLY A 48 1.13 10.76 4.77
C GLY A 48 2.08 9.70 4.26
N ILE A 49 3.05 9.21 5.05
CA ILE A 49 3.92 8.04 4.50
C ILE A 49 3.20 6.71 4.52
N SER A 50 1.97 6.69 5.09
CA SER A 50 1.25 5.42 5.28
C SER A 50 -0.05 5.36 4.46
N THR A 51 -0.44 6.48 3.85
CA THR A 51 -1.65 6.49 3.05
C THR A 51 -1.58 5.49 1.94
N ALA A 52 -0.39 5.28 1.33
CA ALA A 52 -0.30 4.27 0.21
C ALA A 52 -0.35 2.81 0.68
N SER A 53 -0.37 2.58 1.94
CA SER A 53 -0.71 1.31 2.57
C SER A 53 -2.13 1.17 3.10
N GLY A 54 -3.01 2.15 2.85
CA GLY A 54 -4.43 2.04 3.18
C GLY A 54 -4.92 2.81 4.39
N ILE A 55 -4.00 3.43 5.13
CA ILE A 55 -4.24 4.11 6.37
C ILE A 55 -4.43 5.57 5.99
N PRO A 56 -5.61 6.14 6.28
CA PRO A 56 -5.80 7.58 6.00
C PRO A 56 -4.93 8.53 6.90
N ASP A 57 -4.62 9.70 6.34
CA ASP A 57 -3.98 10.69 7.13
C ASP A 57 -5.06 11.48 7.97
N PHE A 58 -4.60 12.55 8.62
CA PHE A 58 -5.40 13.36 9.48
C PHE A 58 -6.00 14.60 8.78
N ARG A 59 -5.18 15.31 7.99
CA ARG A 59 -5.55 16.58 7.44
C ARG A 59 -5.55 16.63 5.96
N GLY A 60 -5.38 15.48 5.32
CA GLY A 60 -5.44 15.41 3.86
C GLY A 60 -6.87 15.66 3.37
N PRO A 61 -7.08 15.67 2.05
CA PRO A 61 -8.41 15.80 1.61
C PRO A 61 -9.41 14.80 2.15
N HIS A 62 -8.99 13.56 2.37
CA HIS A 62 -9.80 12.50 2.99
C HIS A 62 -9.21 12.02 4.32
N GLY A 63 -8.48 12.89 4.97
CA GLY A 63 -8.06 12.63 6.31
C GLY A 63 -9.16 12.60 7.35
N VAL A 64 -8.85 11.93 8.43
CA VAL A 64 -9.71 11.73 9.64
C VAL A 64 -10.34 13.05 10.06
N TRP A 65 -9.54 14.00 10.47
CA TRP A 65 -10.11 15.28 10.85
C TRP A 65 -10.79 16.01 9.69
N THR A 66 -10.15 16.11 8.52
CA THR A 66 -10.86 16.68 7.38
C THR A 66 -12.28 16.10 7.16
N MET A 67 -12.45 14.79 7.26
CA MET A 67 -13.67 14.19 6.90
C MET A 67 -14.67 14.51 8.05
N GLU A 68 -14.23 14.38 9.28
CA GLU A 68 -15.05 14.73 10.43
C GLU A 68 -15.63 16.19 10.32
N GLU A 69 -14.81 17.15 9.87
CA GLU A 69 -15.29 18.50 9.64
C GLU A 69 -16.46 18.57 8.67
N ARG A 70 -16.46 17.77 7.62
CA ARG A 70 -17.61 17.74 6.72
C ARG A 70 -18.64 16.71 7.12
N GLY A 71 -18.60 16.11 8.29
CA GLY A 71 -19.64 15.04 8.56
C GLY A 71 -19.45 13.64 7.93
N LEU A 72 -18.26 13.28 7.49
CA LEU A 72 -18.07 12.01 6.77
C LEU A 72 -17.14 11.20 7.58
N ALA A 73 -16.96 9.94 7.24
CA ALA A 73 -16.05 9.04 8.03
C ALA A 73 -14.76 8.86 7.21
N PRO A 74 -13.61 8.70 7.86
CA PRO A 74 -12.45 8.36 7.05
C PRO A 74 -12.61 6.90 6.62
N LYS A 75 -11.80 6.42 5.70
CA LYS A 75 -11.93 5.05 5.18
C LYS A 75 -10.52 4.39 5.27
N PHE A 76 -10.50 3.16 5.78
CA PHE A 76 -9.29 2.34 5.86
C PHE A 76 -9.41 1.25 4.84
N ASP A 77 -8.31 0.90 4.21
CA ASP A 77 -8.33 -0.17 3.21
C ASP A 77 -7.48 -1.31 3.71
N THR A 78 -7.12 -1.24 4.97
CA THR A 78 -6.51 -2.27 5.71
C THR A 78 -6.74 -2.13 7.24
N THR A 79 -6.41 -3.18 7.99
CA THR A 79 -6.26 -3.05 9.42
C THR A 79 -4.88 -2.63 9.70
N PHE A 80 -4.65 -2.26 10.94
CA PHE A 80 -3.30 -1.98 11.36
C PHE A 80 -2.40 -3.20 11.32
N GLU A 81 -2.93 -4.36 11.70
CA GLU A 81 -2.17 -5.63 11.64
C GLU A 81 -1.85 -6.08 10.30
N SER A 82 -2.76 -5.89 9.38
CA SER A 82 -2.52 -6.35 7.98
C SER A 82 -1.81 -5.26 7.05
N ALA A 83 -1.56 -4.09 7.60
CA ALA A 83 -0.90 -3.02 6.78
C ALA A 83 0.50 -3.45 6.50
N ARG A 84 0.93 -3.19 5.29
CA ARG A 84 2.27 -3.36 4.90
C ARG A 84 3.03 -2.05 4.84
N PRO A 85 4.30 -2.06 5.27
CA PRO A 85 5.14 -0.91 5.08
C PRO A 85 5.27 -0.50 3.58
N THR A 86 5.22 0.82 3.31
CA THR A 86 5.29 1.33 2.03
C THR A 86 6.75 1.25 1.53
N GLN A 87 6.90 1.47 0.21
CA GLN A 87 8.20 1.74 -0.42
C GLN A 87 8.99 2.83 0.34
N THR A 88 8.31 3.80 0.90
CA THR A 88 8.99 4.81 1.68
C THR A 88 9.52 4.29 2.96
N HIS A 89 8.71 3.51 3.68
CA HIS A 89 9.16 2.90 4.91
C HIS A 89 10.44 2.05 4.70
N MET A 90 10.37 1.16 3.74
CA MET A 90 11.47 0.30 3.42
C MET A 90 12.69 1.12 2.92
N ALA A 91 12.49 2.25 2.27
CA ALA A 91 13.62 3.03 1.81
C ALA A 91 14.31 3.67 2.98
N LEU A 92 13.52 4.04 4.00
CA LEU A 92 14.11 4.51 5.25
C LEU A 92 14.96 3.34 5.98
N VAL A 93 14.49 2.07 5.89
CA VAL A 93 15.19 0.94 6.52
C VAL A 93 16.59 0.92 5.88
N GLN A 94 16.65 0.94 4.54
CA GLN A 94 17.93 0.89 3.86
C GLN A 94 18.83 2.05 4.08
N LEU A 95 18.26 3.23 4.14
CA LEU A 95 19.11 4.37 4.32
C LEU A 95 19.78 4.32 5.66
N GLU A 96 19.07 3.92 6.66
CA GLU A 96 19.72 3.68 7.99
C GLU A 96 20.81 2.59 7.86
N ARG A 97 20.59 1.51 7.08
CA ARG A 97 21.53 0.35 7.15
CA ARG A 97 21.53 0.37 7.11
C ARG A 97 22.85 0.74 6.53
N VAL A 98 22.82 1.67 5.54
CA VAL A 98 24.02 2.10 4.85
C VAL A 98 24.62 3.37 5.46
N GLY A 99 24.06 3.85 6.57
CA GLY A 99 24.70 4.96 7.28
C GLY A 99 24.34 6.34 6.67
N LEU A 100 23.40 6.44 5.73
CA LEU A 100 22.88 7.74 5.36
C LEU A 100 21.82 8.39 6.20
N LEU A 101 21.20 7.69 7.12
CA LEU A 101 20.19 8.29 8.04
C LEU A 101 20.72 8.17 9.42
N ARG A 102 20.91 9.26 10.16
CA ARG A 102 21.38 9.18 11.54
C ARG A 102 20.21 8.87 12.52
N PHE A 103 19.01 9.46 12.30
CA PHE A 103 17.87 9.35 13.20
C PHE A 103 16.48 9.58 12.55
N LEU A 104 15.48 8.90 13.07
CA LEU A 104 14.17 8.85 12.49
C LEU A 104 13.18 9.33 13.51
N VAL A 105 12.58 10.50 13.24
CA VAL A 105 11.47 11.06 14.16
C VAL A 105 10.08 10.89 13.53
N SER A 106 9.14 10.24 14.23
CA SER A 106 7.88 9.96 13.65
C SER A 106 6.75 10.31 14.62
N GLN A 107 5.70 10.82 14.03
CA GLN A 107 4.56 11.20 14.75
C GLN A 107 3.55 10.08 14.62
N ASN A 108 3.83 8.98 13.85
CA ASN A 108 2.79 8.05 13.50
C ASN A 108 2.74 7.09 14.65
N VAL A 109 1.55 6.57 14.88
CA VAL A 109 1.28 5.58 15.87
C VAL A 109 0.96 4.28 15.23
N ASP A 110 0.97 4.22 13.90
CA ASP A 110 0.59 3.04 13.14
C ASP A 110 1.51 1.80 13.29
N GLY A 111 2.61 1.89 13.97
CA GLY A 111 3.52 0.74 14.16
C GLY A 111 4.41 0.29 13.03
N LEU A 112 4.40 1.03 11.92
CA LEU A 112 4.89 0.48 10.68
C LEU A 112 6.42 0.56 10.58
N HIS A 113 7.01 1.60 11.19
CA HIS A 113 8.43 1.77 11.21
C HIS A 113 9.05 0.64 12.00
N VAL A 114 8.54 0.38 13.20
CA VAL A 114 9.00 -0.78 13.99
C VAL A 114 8.81 -2.06 13.19
N ARG A 115 7.61 -2.28 12.63
CA ARG A 115 7.34 -3.56 11.92
C ARG A 115 8.17 -3.74 10.70
N SER A 116 8.54 -2.61 10.03
CA SER A 116 9.42 -2.64 8.84
C SER A 116 10.86 -3.14 9.11
N GLY A 117 11.24 -3.22 10.35
CA GLY A 117 12.54 -3.69 10.77
C GLY A 117 13.42 -2.56 11.16
N PHE A 118 12.87 -1.35 11.41
CA PHE A 118 13.76 -0.22 11.52
C PHE A 118 14.25 -0.24 12.97
N PRO A 119 15.54 -0.02 13.20
CA PRO A 119 16.00 -0.17 14.60
C PRO A 119 15.47 0.86 15.57
N ARG A 120 14.89 0.37 16.66
CA ARG A 120 14.19 1.22 17.68
C ARG A 120 15.09 2.17 18.37
N ASP A 121 16.36 1.83 18.48
CA ASP A 121 17.30 2.86 19.07
C ASP A 121 17.66 4.06 18.15
N LYS A 122 17.19 4.06 16.92
CA LYS A 122 17.37 5.26 16.01
C LYS A 122 16.04 5.89 15.66
N LEU A 123 15.00 5.53 16.44
CA LEU A 123 13.67 5.91 16.16
C LEU A 123 13.06 6.56 17.37
N ALA A 124 12.43 7.71 17.16
CA ALA A 124 11.56 8.33 18.17
C ALA A 124 10.11 8.37 17.72
N GLU A 125 9.19 7.81 18.56
CA GLU A 125 7.83 7.59 18.20
C GLU A 125 7.11 8.56 19.11
N LEU A 126 7.04 9.79 18.65
CA LEU A 126 6.68 10.89 19.54
C LEU A 126 5.27 10.75 20.06
N HIS A 127 4.39 10.07 19.33
CA HIS A 127 2.99 10.10 19.76
C HIS A 127 2.55 8.76 20.29
N GLY A 128 3.50 7.82 20.37
CA GLY A 128 3.32 6.42 20.73
C GLY A 128 3.22 5.50 19.54
N ASN A 129 2.80 4.29 19.87
CA ASN A 129 2.74 3.20 18.88
C ASN A 129 1.64 2.33 19.34
N MET A 130 0.70 2.05 18.48
CA MET A 130 -0.40 1.27 18.94
C MET A 130 -0.16 -0.19 19.25
N PHE A 131 0.99 -0.76 18.81
CA PHE A 131 1.34 -2.17 19.13
C PHE A 131 2.18 -2.30 20.38
N VAL A 132 2.50 -1.17 20.99
CA VAL A 132 3.42 -1.14 22.14
C VAL A 132 2.67 -0.87 23.43
N GLU A 133 2.90 -1.68 24.44
CA GLU A 133 2.54 -1.37 25.78
C GLU A 133 3.79 -1.27 26.66
N GLU A 134 3.60 -0.54 27.78
CA GLU A 134 4.63 -0.04 28.68
C GLU A 134 4.27 -0.30 30.17
N CYS A 135 5.24 -0.82 30.95
CA CYS A 135 5.01 -1.13 32.36
C CYS A 135 5.19 0.16 33.14
N ALA A 136 4.08 0.57 33.77
CA ALA A 136 4.05 1.66 34.73
C ALA A 136 5.17 1.60 35.80
N LYS A 137 5.50 0.41 36.31
CA LYS A 137 6.48 0.22 37.39
C LYS A 137 7.93 0.25 36.90
N CYS A 138 8.36 -0.73 36.10
CA CYS A 138 9.74 -0.72 35.61
C CYS A 138 9.99 0.00 34.28
N LYS A 139 8.96 0.43 33.54
CA LYS A 139 9.07 1.11 32.21
C LYS A 139 9.46 0.22 31.01
N THR A 140 9.43 -1.10 31.19
CA THR A 140 9.73 -2.02 30.13
C THR A 140 8.63 -1.97 29.09
N GLN A 141 9.02 -1.91 27.79
CA GLN A 141 8.07 -1.96 26.62
C GLN A 141 7.97 -3.33 26.00
N TYR A 142 6.80 -3.65 25.46
CA TYR A 142 6.49 -4.92 24.82
C TYR A 142 5.88 -4.46 23.53
N VAL A 143 6.50 -4.89 22.42
CA VAL A 143 6.03 -4.78 21.07
C VAL A 143 5.19 -5.97 20.62
N ARG A 144 3.87 -5.77 20.57
CA ARG A 144 2.95 -6.85 20.36
C ARG A 144 2.64 -7.05 18.94
N ASP A 145 2.14 -8.22 18.60
CA ASP A 145 1.74 -8.53 17.25
C ASP A 145 0.39 -8.11 16.87
N THR A 146 -0.34 -7.60 17.86
CA THR A 146 -1.68 -7.04 17.61
C THR A 146 -1.83 -5.77 18.26
N VAL A 147 -2.71 -4.91 17.72
CA VAL A 147 -2.86 -3.57 18.40
C VAL A 147 -3.33 -3.69 19.82
N VAL A 148 -2.73 -2.93 20.68
CA VAL A 148 -3.04 -2.93 22.07
C VAL A 148 -4.40 -2.18 22.24
N GLY A 149 -5.36 -2.83 22.88
CA GLY A 149 -6.75 -2.35 22.91
C GLY A 149 -7.05 -0.93 23.36
N THR A 150 -6.17 -0.24 24.06
CA THR A 150 -6.54 1.05 24.60
C THR A 150 -5.73 2.25 24.11
N MET A 151 -6.34 3.42 24.31
CA MET A 151 -5.71 4.70 23.95
C MET A 151 -5.75 5.62 25.14
N GLY A 152 -4.78 6.51 25.24
CA GLY A 152 -4.74 7.44 26.36
C GLY A 152 -3.97 7.03 27.59
N LEU A 153 -2.92 6.25 27.43
CA LEU A 153 -2.08 5.81 28.55
C LEU A 153 -2.86 5.07 29.66
N LYS A 154 -3.88 4.30 29.25
CA LYS A 154 -4.69 3.45 30.18
C LYS A 154 -4.15 2.01 30.38
N ALA A 155 -4.64 1.35 31.43
CA ALA A 155 -4.23 -0.01 31.73
C ALA A 155 -4.86 -0.87 30.65
N THR A 156 -4.09 -1.79 30.06
CA THR A 156 -4.62 -2.66 28.96
C THR A 156 -5.29 -3.91 29.50
N GLY A 157 -4.97 -4.25 30.76
CA GLY A 157 -5.41 -5.51 31.39
C GLY A 157 -4.34 -6.59 31.51
N ARG A 158 -3.13 -6.37 30.96
CA ARG A 158 -2.05 -7.40 31.05
C ARG A 158 -0.99 -6.89 32.07
N LEU A 159 -0.13 -7.78 32.53
CA LEU A 159 0.88 -7.50 33.54
C LEU A 159 2.31 -7.80 33.05
N CYS A 160 3.22 -7.09 33.66
CA CYS A 160 4.59 -7.15 33.33
C CYS A 160 5.24 -8.47 33.78
N THR A 161 5.97 -9.11 32.85
CA THR A 161 6.59 -10.37 33.03
C THR A 161 8.10 -10.33 33.33
N VAL A 162 8.65 -9.19 33.76
CA VAL A 162 10.14 -9.03 33.98
C VAL A 162 10.63 -9.80 35.23
N ALA A 163 11.88 -10.34 35.16
CA ALA A 163 12.43 -11.41 36.07
C ALA A 163 12.74 -11.06 37.56
N CYS A 171 7.90 -8.86 38.06
CA CYS A 171 7.55 -7.49 38.38
C CYS A 171 6.03 -7.27 38.68
N ARG A 172 5.18 -7.90 37.88
CA ARG A 172 3.70 -7.77 37.92
C ARG A 172 3.06 -6.38 37.83
N GLY A 173 3.84 -5.37 37.45
CA GLY A 173 3.28 -4.01 37.15
C GLY A 173 2.17 -4.00 36.09
N GLU A 174 1.17 -3.08 36.23
CA GLU A 174 0.13 -2.80 35.22
C GLU A 174 0.84 -2.35 33.91
N LEU A 175 0.40 -2.93 32.79
CA LEU A 175 0.85 -2.55 31.45
C LEU A 175 -0.14 -1.59 30.87
N ARG A 176 0.37 -0.53 30.27
CA ARG A 176 -0.47 0.53 29.63
C ARG A 176 -0.10 0.85 28.17
N ASP A 177 -1.09 1.35 27.39
CA ASP A 177 -0.86 1.78 25.98
C ASP A 177 0.05 2.94 26.00
N THR A 178 0.57 3.32 24.83
CA THR A 178 1.50 4.43 24.75
C THR A 178 0.90 5.57 23.90
N ILE A 179 -0.39 5.41 23.55
CA ILE A 179 -1.13 6.42 22.70
C ILE A 179 -1.54 7.63 23.47
N LEU A 180 -0.87 8.76 23.17
CA LEU A 180 -0.98 10.00 23.91
C LEU A 180 -2.35 10.55 23.60
N ASP A 181 -2.94 11.18 24.62
CA ASP A 181 -4.22 11.87 24.42
C ASP A 181 -3.85 13.29 24.17
N TRP A 182 -4.85 14.10 23.76
CA TRP A 182 -4.72 15.58 23.60
C TRP A 182 -3.92 16.29 24.69
N GLU A 183 -4.13 15.94 25.97
CA GLU A 183 -3.48 16.70 27.08
C GLU A 183 -2.08 16.17 27.44
N ASP A 184 -1.78 14.92 26.98
CA ASP A 184 -0.61 14.12 27.43
C ASP A 184 0.70 14.66 26.92
N SER A 185 1.70 14.95 27.77
CA SER A 185 3.02 15.42 27.25
C SER A 185 3.73 14.26 26.53
N LEU A 186 4.52 14.63 25.52
CA LEU A 186 5.34 13.66 24.78
C LEU A 186 6.26 12.81 25.71
N PRO A 187 6.59 11.56 25.30
CA PRO A 187 7.66 10.88 26.00
C PRO A 187 8.97 11.65 26.02
N ASP A 188 9.47 11.83 27.21
CA ASP A 188 10.75 12.52 27.39
C ASP A 188 11.95 11.94 26.72
N ARG A 189 12.05 10.61 26.71
CA ARG A 189 13.18 9.97 26.07
C ARG A 189 13.11 10.34 24.58
N ASP A 190 12.02 9.95 23.95
CA ASP A 190 11.85 10.09 22.52
C ASP A 190 12.01 11.54 22.11
N LEU A 191 11.46 12.47 22.90
CA LEU A 191 11.59 13.84 22.62
C LEU A 191 12.99 14.39 22.80
N ALA A 192 13.62 13.97 23.87
CA ALA A 192 14.96 14.42 24.08
C ALA A 192 15.86 13.93 22.96
N LEU A 193 15.69 12.68 22.53
CA LEU A 193 16.62 12.17 21.47
C LEU A 193 16.28 12.80 20.11
N ALA A 194 14.99 12.98 19.83
CA ALA A 194 14.58 13.68 18.57
C ALA A 194 15.12 15.09 18.54
N ASP A 195 15.15 15.71 19.70
CA ASP A 195 15.58 17.12 19.78
C ASP A 195 17.09 17.20 19.57
N GLU A 196 17.83 16.39 20.30
CA GLU A 196 19.26 16.28 20.10
C GLU A 196 19.61 16.01 18.65
N ALA A 197 19.00 14.98 18.09
CA ALA A 197 19.19 14.66 16.68
C ALA A 197 18.91 15.78 15.74
N SER A 198 17.81 16.44 15.99
CA SER A 198 17.38 17.56 15.13
C SER A 198 18.37 18.75 15.19
N ARG A 199 18.85 19.07 16.41
CA ARG A 199 19.76 20.14 16.65
C ARG A 199 21.11 19.96 15.96
N ASN A 200 21.66 18.74 16.00
CA ASN A 200 22.95 18.40 15.42
C ASN A 200 22.91 18.04 14.01
N ALA A 201 21.75 17.79 13.44
CA ALA A 201 21.66 17.40 12.05
C ALA A 201 22.10 18.57 11.15
N ASP A 202 22.59 18.28 9.95
CA ASP A 202 22.86 19.33 8.94
C ASP A 202 21.83 19.24 7.81
N LEU A 203 20.95 18.24 7.84
CA LEU A 203 19.84 18.14 6.90
C LEU A 203 18.71 17.42 7.62
N SER A 204 17.55 18.05 7.61
CA SER A 204 16.28 17.45 8.06
C SER A 204 15.40 17.40 6.89
N ILE A 205 14.86 16.24 6.66
CA ILE A 205 13.93 15.96 5.49
C ILE A 205 12.61 15.53 6.09
N THR A 206 11.52 16.26 5.76
CA THR A 206 10.20 15.92 6.33
C THR A 206 9.37 15.19 5.29
N LEU A 207 8.68 14.07 5.66
CA LEU A 207 7.93 13.27 4.66
C LEU A 207 6.49 13.13 5.18
N GLY A 208 5.52 13.60 4.39
CA GLY A 208 4.08 13.32 4.76
C GLY A 208 3.64 13.80 6.12
N THR A 209 4.20 14.94 6.56
CA THR A 209 3.64 15.71 7.63
C THR A 209 3.40 17.22 7.34
N SER A 210 2.24 17.73 7.81
CA SER A 210 1.86 19.05 7.56
C SER A 210 2.43 19.89 8.69
N LEU A 211 3.18 19.28 9.58
CA LEU A 211 4.04 20.03 10.60
C LEU A 211 3.31 20.98 11.53
N GLN A 212 2.04 20.74 11.68
CA GLN A 212 1.21 21.63 12.53
C GLN A 212 1.23 21.40 14.02
N ILE A 213 1.71 20.25 14.50
CA ILE A 213 1.68 19.93 15.91
C ILE A 213 2.96 20.34 16.50
N ARG A 214 2.92 20.94 17.64
CA ARG A 214 4.13 21.26 18.34
C ARG A 214 4.19 20.46 19.65
N PRO A 215 5.39 20.03 20.10
CA PRO A 215 6.65 20.38 19.47
C PRO A 215 7.10 19.47 18.32
N SER A 216 6.36 18.39 18.02
CA SER A 216 6.76 17.53 16.88
C SER A 216 7.13 18.23 15.60
N GLY A 217 6.24 19.08 15.13
CA GLY A 217 6.38 19.84 13.86
C GLY A 217 7.41 20.93 13.85
N ASN A 218 7.78 21.39 15.01
CA ASN A 218 8.90 22.32 15.13
C ASN A 218 10.30 21.73 15.03
N LEU A 219 10.47 20.45 15.34
CA LEU A 219 11.85 19.90 15.45
C LEU A 219 12.66 20.04 14.20
N PRO A 220 12.04 19.77 13.00
CA PRO A 220 12.78 20.04 11.82
C PRO A 220 13.43 21.49 11.79
N LEU A 221 12.79 22.50 12.39
CA LEU A 221 13.35 23.90 12.40
C LEU A 221 14.59 24.04 13.22
N ALA A 222 14.73 23.17 14.18
CA ALA A 222 15.92 23.15 14.99
C ALA A 222 17.20 22.92 14.11
N THR A 223 17.03 22.16 13.03
CA THR A 223 18.12 21.89 12.13
C THR A 223 18.59 23.22 11.47
N LYS A 224 17.69 24.13 11.22
CA LYS A 224 18.10 25.45 10.73
C LYS A 224 19.12 26.24 11.59
N ARG A 225 19.13 26.02 12.92
CA ARG A 225 19.99 26.77 13.85
C ARG A 225 21.36 27.02 13.33
N ARG A 226 22.20 26.00 13.16
CA ARG A 226 23.61 26.31 12.91
C ARG A 226 23.94 26.13 11.47
N GLY A 227 22.99 26.46 10.61
CA GLY A 227 23.27 26.39 9.20
C GLY A 227 22.67 25.19 8.56
N GLY A 228 21.72 24.51 9.21
CA GLY A 228 21.26 23.22 8.67
C GLY A 228 20.33 23.46 7.53
N ARG A 229 20.24 22.51 6.60
CA ARG A 229 19.30 22.62 5.50
C ARG A 229 18.04 21.82 5.84
N LEU A 230 16.89 22.27 5.32
CA LEU A 230 15.56 21.68 5.63
C LEU A 230 14.91 21.40 4.29
N VAL A 231 14.51 20.14 4.14
CA VAL A 231 13.72 19.67 2.99
C VAL A 231 12.35 19.22 3.49
N ILE A 232 11.29 19.69 2.84
CA ILE A 232 9.92 19.28 3.07
C ILE A 232 9.30 18.55 1.88
N VAL A 233 8.79 17.32 2.07
CA VAL A 233 8.22 16.53 0.96
C VAL A 233 6.82 16.33 1.43
N ASN A 234 5.84 16.91 0.70
CA ASN A 234 4.41 16.87 1.10
C ASN A 234 3.53 17.34 -0.06
N LEU A 235 2.39 16.68 -0.24
CA LEU A 235 1.40 17.07 -1.19
C LEU A 235 0.65 18.45 -0.87
N GLN A 236 0.32 18.70 0.38
CA GLN A 236 -0.20 19.92 0.85
C GLN A 236 0.90 20.91 1.31
N PRO A 237 0.52 22.17 1.44
CA PRO A 237 1.34 23.09 2.21
C PRO A 237 1.43 22.64 3.61
N THR A 238 2.47 23.09 4.31
CA THR A 238 2.82 22.74 5.65
C THR A 238 3.15 24.01 6.34
N LYS A 239 3.05 23.98 7.66
CA LYS A 239 3.28 25.14 8.48
C LYS A 239 4.61 25.85 8.29
N HIS A 240 5.68 25.16 7.89
CA HIS A 240 6.99 25.75 7.87
C HIS A 240 7.54 25.89 6.52
N ASP A 241 6.71 25.79 5.47
CA ASP A 241 7.14 25.90 4.08
C ASP A 241 8.06 27.04 3.81
N ARG A 242 7.89 28.19 4.47
CA ARG A 242 8.72 29.33 4.12
C ARG A 242 10.17 29.09 4.63
N HIS A 243 10.37 28.23 5.60
CA HIS A 243 11.70 28.01 6.15
C HIS A 243 12.48 26.91 5.46
N ALA A 244 11.85 26.26 4.48
CA ALA A 244 12.38 25.11 3.80
C ALA A 244 13.37 25.60 2.76
N ASP A 245 14.49 24.91 2.56
CA ASP A 245 15.39 25.19 1.41
C ASP A 245 14.91 24.52 0.18
N LEU A 246 14.11 23.48 0.35
CA LEU A 246 13.54 22.80 -0.82
C LEU A 246 12.18 22.28 -0.37
N ARG A 247 11.16 22.37 -1.23
CA ARG A 247 9.93 21.80 -1.03
C ARG A 247 9.59 20.99 -2.23
N ILE A 248 9.21 19.75 -2.05
CA ILE A 248 8.93 18.86 -3.14
C ILE A 248 7.49 18.45 -3.00
N HIS A 249 6.66 18.83 -3.98
CA HIS A 249 5.25 18.49 -3.99
C HIS A 249 4.97 17.30 -4.84
N GLY A 250 4.99 16.12 -4.19
CA GLY A 250 4.71 14.86 -4.85
C GLY A 250 4.37 13.76 -3.90
N TYR A 251 3.99 12.63 -4.48
CA TYR A 251 3.76 11.45 -3.70
C TYR A 251 5.12 10.95 -3.13
N VAL A 252 5.16 10.71 -1.82
CA VAL A 252 6.43 10.34 -1.20
C VAL A 252 7.04 9.05 -1.73
N ASP A 253 6.23 8.07 -2.09
CA ASP A 253 6.77 6.85 -2.69
C ASP A 253 7.44 7.17 -4.00
N GLU A 254 6.90 8.11 -4.77
CA GLU A 254 7.54 8.43 -6.05
C GLU A 254 8.85 9.15 -5.80
N VAL A 255 8.87 10.13 -4.87
CA VAL A 255 10.13 10.86 -4.43
C VAL A 255 11.25 9.94 -3.88
N MET A 256 10.87 9.00 -3.01
CA MET A 256 11.79 8.17 -2.37
C MET A 256 12.35 7.16 -3.36
N THR A 257 11.60 6.65 -4.32
CA THR A 257 12.06 5.66 -5.19
C THR A 257 13.02 6.32 -6.16
N ARG A 258 12.71 7.54 -6.58
CA ARG A 258 13.65 8.30 -7.44
C ARG A 258 14.91 8.59 -6.71
N LEU A 259 14.79 9.11 -5.51
CA LEU A 259 15.93 9.34 -4.70
C LEU A 259 16.85 8.09 -4.56
N MET A 260 16.27 6.96 -4.20
CA MET A 260 17.10 5.77 -3.97
C MET A 260 17.84 5.40 -5.23
N LYS A 261 17.13 5.46 -6.37
CA LYS A 261 17.74 5.17 -7.68
C LYS A 261 18.93 6.06 -7.93
N HIS A 262 18.83 7.35 -7.71
CA HIS A 262 20.00 8.30 -7.82
C HIS A 262 21.12 7.97 -6.90
N LEU A 263 20.74 7.50 -5.72
CA LEU A 263 21.73 7.19 -4.72
C LEU A 263 22.34 5.85 -4.98
N GLY A 264 21.77 5.04 -5.88
CA GLY A 264 22.38 3.78 -6.18
C GLY A 264 22.02 2.68 -5.25
N LEU A 265 20.87 2.80 -4.57
CA LEU A 265 20.44 1.83 -3.52
C LEU A 265 19.14 1.09 -3.84
N GLU A 266 19.08 -0.17 -3.47
CA GLU A 266 17.86 -0.94 -3.62
C GLU A 266 17.00 -0.68 -2.46
N ILE A 267 15.72 -0.81 -2.68
CA ILE A 267 14.74 -0.74 -1.60
C ILE A 267 14.48 -2.21 -1.28
N PRO A 268 14.80 -2.59 -0.08
CA PRO A 268 14.76 -3.92 0.30
C PRO A 268 13.39 -4.46 0.62
N ALA A 269 13.39 -5.76 0.62
CA ALA A 269 12.23 -6.59 0.70
C ALA A 269 11.75 -6.62 2.14
N TRP A 270 10.43 -6.66 2.37
CA TRP A 270 9.91 -6.73 3.73
C TRP A 270 9.70 -8.20 4.08
N ASP A 271 10.39 -8.69 5.09
CA ASP A 271 10.18 -10.09 5.54
C ASP A 271 8.81 -10.37 6.24
N GLY A 272 7.98 -9.35 6.43
CA GLY A 272 6.77 -9.50 7.32
C GLY A 272 7.23 -8.83 8.61
N PRO A 273 6.37 -8.77 9.60
CA PRO A 273 6.59 -7.99 10.86
C PRO A 273 7.78 -8.47 11.68
N ARG A 274 8.72 -7.58 11.95
CA ARG A 274 9.94 -7.94 12.69
C ARG A 274 10.28 -6.79 13.57
N VAL A 275 10.90 -7.04 14.71
CA VAL A 275 11.25 -5.95 15.69
C VAL A 275 12.70 -6.04 15.80
N LEU A 276 13.38 -4.95 15.54
CA LEU A 276 14.74 -4.86 15.78
C LEU A 276 15.01 -3.82 16.84
N GLU A 277 15.54 -4.24 17.94
CA GLU A 277 15.98 -3.26 19.01
C GLU A 277 17.08 -2.29 18.71
N ARG A 278 18.20 -2.82 18.17
CA ARG A 278 19.41 -2.13 18.07
C ARG A 278 19.95 -2.22 16.69
N ALA A 279 20.41 -1.07 16.22
CA ALA A 279 20.87 -0.86 14.88
C ALA A 279 22.05 -1.82 14.64
N LEU A 280 22.09 -2.51 13.48
CA LEU A 280 23.11 -3.53 13.14
C LEU A 280 24.33 -2.73 12.72
N PRO A 281 25.46 -3.43 12.46
CA PRO A 281 26.56 -2.68 11.85
C PRO A 281 26.30 -2.21 10.43
N PRO A 282 26.71 -0.96 10.11
CA PRO A 282 26.45 -0.33 8.77
C PRO A 282 27.02 -1.03 7.49
N LEU A 283 26.21 -1.08 6.44
CA LEU A 283 26.52 -1.91 5.36
C LEU A 283 27.34 -1.08 4.37
N PRO A 284 28.02 -1.72 3.40
CA PRO A 284 28.69 -0.91 2.42
C PRO A 284 27.68 0.02 1.69
N ARG A 285 28.09 1.17 1.20
CA ARG A 285 27.24 1.98 0.29
C ARG A 285 28.00 2.56 -0.94
N PRO A 286 27.27 2.91 -2.03
CA PRO A 286 28.04 3.32 -3.25
C PRO A 286 28.98 4.46 -2.93
N PRO A 287 30.06 4.62 -3.71
CA PRO A 287 30.82 5.88 -3.56
C PRO A 287 30.04 7.11 -4.06
N THR A 288 30.39 8.25 -3.48
CA THR A 288 29.65 9.52 -3.66
C THR A 288 30.08 10.29 -4.93
N PRO A 289 29.13 10.89 -5.67
CA PRO A 289 29.57 11.61 -6.84
C PRO A 289 30.32 12.81 -6.51
N LYS A 290 31.03 13.34 -7.54
CA LYS A 290 31.73 14.55 -7.36
C LYS A 290 30.63 15.58 -7.47
N LEU A 291 30.56 16.51 -6.55
CA LEU A 291 29.58 17.58 -6.66
C LEU A 291 30.35 18.91 -6.79
N GLU A 292 30.34 19.52 -7.98
CA GLU A 292 31.22 20.68 -8.26
C GLU A 292 30.69 21.96 -7.59
N LYS B 9 -24.29 3.18 -13.68
CA LYS B 9 -23.30 3.03 -12.54
C LYS B 9 -23.62 1.95 -11.51
N GLY B 10 -24.88 1.51 -11.39
CA GLY B 10 -25.30 0.43 -10.44
C GLY B 10 -25.29 0.95 -9.00
N LYS B 11 -25.41 0.06 -8.02
CA LYS B 11 -25.50 0.43 -6.58
C LYS B 11 -24.12 0.82 -6.06
N CYS B 12 -24.00 2.00 -5.47
CA CYS B 12 -22.73 2.56 -4.97
C CYS B 12 -22.88 2.85 -3.52
N GLY B 13 -21.77 2.76 -2.81
CA GLY B 13 -21.70 3.12 -1.37
C GLY B 13 -22.55 2.31 -0.38
N LEU B 14 -22.79 1.02 -0.64
CA LEU B 14 -23.48 0.15 0.32
C LEU B 14 -22.63 -0.05 1.55
N PRO B 15 -23.28 -0.43 2.68
CA PRO B 15 -22.42 -0.47 3.83
C PRO B 15 -21.56 -1.73 3.81
N GLU B 16 -20.40 -1.54 4.40
CA GLU B 16 -19.48 -2.63 4.65
C GLU B 16 -19.87 -3.65 5.67
N ILE B 17 -19.44 -4.88 5.43
CA ILE B 17 -19.72 -6.00 6.32
C ILE B 17 -18.37 -6.47 6.82
N PHE B 18 -18.21 -6.63 8.12
CA PHE B 18 -16.96 -7.26 8.65
C PHE B 18 -17.28 -8.55 9.41
N ASP B 19 -16.89 -9.72 8.88
CA ASP B 19 -17.04 -10.94 9.65
C ASP B 19 -16.24 -10.71 10.95
N PRO B 20 -16.80 -11.08 12.13
CA PRO B 20 -15.95 -11.14 13.34
C PRO B 20 -14.85 -12.23 13.25
N PRO B 21 -13.73 -12.05 14.00
CA PRO B 21 -12.48 -12.75 13.77
C PRO B 21 -12.54 -14.29 13.85
N GLU B 22 -13.33 -14.81 14.79
CA GLU B 22 -13.49 -16.24 14.91
C GLU B 22 -14.14 -16.78 13.64
N GLU B 23 -15.29 -16.20 13.28
CA GLU B 23 -15.96 -16.49 12.01
C GLU B 23 -14.93 -16.38 10.85
N LEU B 24 -14.16 -15.30 10.88
CA LEU B 24 -13.29 -14.94 9.74
C LEU B 24 -12.28 -16.08 9.57
N GLU B 25 -11.60 -16.40 10.65
CA GLU B 25 -10.76 -17.61 10.75
C GLU B 25 -11.40 -18.85 10.22
N ARG B 26 -12.60 -19.18 10.71
CA ARG B 26 -13.25 -20.43 10.27
C ARG B 26 -13.52 -20.46 8.76
N LYS B 27 -13.90 -19.33 8.19
CA LYS B 27 -14.22 -19.31 6.75
C LYS B 27 -12.97 -19.47 5.87
N VAL B 28 -11.85 -18.95 6.33
CA VAL B 28 -10.63 -18.96 5.54
C VAL B 28 -10.09 -20.35 5.64
N TRP B 29 -10.26 -20.99 6.79
CA TRP B 29 -10.01 -22.47 6.88
C TRP B 29 -10.85 -23.28 5.90
N GLU B 30 -12.10 -22.86 5.77
CA GLU B 30 -12.97 -23.50 4.81
C GLU B 30 -12.54 -23.20 3.31
N LEU B 31 -12.10 -21.99 3.01
CA LEU B 31 -11.55 -21.67 1.68
C LEU B 31 -10.29 -22.49 1.40
N ALA B 32 -9.39 -22.55 2.37
CA ALA B 32 -8.19 -23.52 2.30
C ALA B 32 -8.58 -24.91 1.92
N ARG B 33 -9.60 -25.47 2.60
CA ARG B 33 -10.12 -26.79 2.32
C ARG B 33 -10.51 -26.90 0.87
N LEU B 34 -11.30 -25.96 0.39
CA LEU B 34 -11.67 -26.03 -1.01
C LEU B 34 -10.51 -25.83 -1.98
N VAL B 35 -9.52 -24.99 -1.64
CA VAL B 35 -8.37 -24.84 -2.53
C VAL B 35 -7.72 -26.23 -2.57
N TRP B 36 -7.57 -26.86 -1.40
CA TRP B 36 -6.91 -28.17 -1.39
C TRP B 36 -7.71 -29.20 -2.21
N GLN B 37 -9.03 -29.15 -2.14
CA GLN B 37 -9.85 -30.08 -2.94
C GLN B 37 -9.98 -29.82 -4.44
N SER B 38 -9.85 -28.60 -4.91
CA SER B 38 -10.26 -28.33 -6.28
C SER B 38 -9.20 -28.75 -7.28
N SER B 39 -9.62 -29.23 -8.43
CA SER B 39 -8.64 -29.48 -9.47
C SER B 39 -8.26 -28.25 -10.28
N SER B 40 -9.17 -27.27 -10.41
CA SER B 40 -8.98 -26.15 -11.37
C SER B 40 -9.56 -24.88 -10.72
N VAL B 41 -8.70 -24.08 -10.10
CA VAL B 41 -9.13 -22.88 -9.44
C VAL B 41 -8.98 -21.67 -10.36
N VAL B 42 -10.02 -20.83 -10.46
CA VAL B 42 -9.87 -19.56 -11.19
C VAL B 42 -10.22 -18.50 -10.16
N PHE B 43 -9.45 -17.43 -10.15
CA PHE B 43 -9.67 -16.26 -9.33
C PHE B 43 -10.13 -15.09 -10.26
N HIS B 44 -11.09 -14.31 -9.74
CA HIS B 44 -11.58 -13.13 -10.41
C HIS B 44 -11.33 -11.87 -9.55
N THR B 45 -10.65 -10.89 -10.13
CA THR B 45 -10.33 -9.66 -9.34
C THR B 45 -10.99 -8.36 -9.85
N GLY B 46 -11.20 -7.47 -8.94
CA GLY B 46 -11.63 -6.17 -9.30
C GLY B 46 -10.94 -5.26 -8.35
N ALA B 47 -11.49 -4.07 -8.32
CA ALA B 47 -10.80 -2.91 -7.82
C ALA B 47 -10.43 -2.97 -6.38
N GLY B 48 -11.18 -3.78 -5.64
CA GLY B 48 -10.99 -3.94 -4.24
C GLY B 48 -9.59 -4.51 -3.92
N ILE B 49 -8.96 -5.28 -4.78
CA ILE B 49 -7.56 -5.75 -4.46
C ILE B 49 -6.43 -4.70 -4.61
N SER B 50 -6.71 -3.51 -5.16
CA SER B 50 -5.74 -2.38 -5.27
C SER B 50 -5.98 -1.23 -4.31
N THR B 51 -7.02 -1.33 -3.47
CA THR B 51 -7.29 -0.21 -2.64
C THR B 51 -6.24 -0.03 -1.56
N ALA B 52 -5.76 -1.15 -0.94
CA ALA B 52 -4.58 -1.14 -0.09
C ALA B 52 -3.22 -0.68 -0.71
N SER B 53 -3.09 -0.49 -2.00
CA SER B 53 -1.90 0.24 -2.56
C SER B 53 -2.22 1.68 -3.05
N GLY B 54 -3.35 2.21 -2.54
CA GLY B 54 -3.62 3.62 -2.72
C GLY B 54 -4.47 4.01 -3.91
N ILE B 55 -4.93 3.01 -4.68
CA ILE B 55 -5.82 3.21 -5.85
C ILE B 55 -7.27 2.97 -5.39
N PRO B 56 -8.17 3.95 -5.58
CA PRO B 56 -9.52 3.83 -4.99
C PRO B 56 -10.34 2.89 -5.87
N ASP B 57 -11.38 2.27 -5.32
CA ASP B 57 -12.31 1.50 -6.13
C ASP B 57 -13.40 2.37 -6.74
N PHE B 58 -14.46 1.75 -7.28
CA PHE B 58 -15.53 2.49 -8.02
C PHE B 58 -16.80 2.72 -7.13
N ARG B 59 -17.22 1.66 -6.42
CA ARG B 59 -18.50 1.57 -5.67
C ARG B 59 -18.31 1.44 -4.15
N GLY B 60 -17.06 1.46 -3.68
CA GLY B 60 -16.80 1.46 -2.23
C GLY B 60 -17.27 2.79 -1.58
N PRO B 61 -17.19 2.88 -0.25
CA PRO B 61 -17.45 4.11 0.49
C PRO B 61 -16.85 5.36 -0.10
N HIS B 62 -15.61 5.27 -0.59
CA HIS B 62 -14.87 6.40 -1.18
C HIS B 62 -14.53 6.10 -2.62
N GLY B 63 -15.31 5.17 -3.19
CA GLY B 63 -15.20 4.82 -4.61
C GLY B 63 -15.40 5.97 -5.58
N VAL B 64 -14.70 5.92 -6.73
CA VAL B 64 -14.79 6.90 -7.85
C VAL B 64 -16.27 7.38 -8.06
N TRP B 65 -17.14 6.40 -8.35
CA TRP B 65 -18.54 6.67 -8.65
C TRP B 65 -19.24 7.18 -7.40
N THR B 66 -19.10 6.45 -6.30
CA THR B 66 -19.63 6.84 -4.99
C THR B 66 -19.24 8.23 -4.55
N MET B 67 -18.04 8.70 -4.85
CA MET B 67 -17.71 10.09 -4.58
C MET B 67 -18.37 11.04 -5.58
N GLU B 68 -18.37 10.72 -6.86
CA GLU B 68 -19.06 11.57 -7.88
C GLU B 68 -20.56 11.87 -7.58
N GLU B 69 -21.35 10.82 -7.35
CA GLU B 69 -22.70 10.91 -6.74
C GLU B 69 -22.81 11.91 -5.56
N ARG B 70 -21.86 11.86 -4.63
CA ARG B 70 -21.82 12.79 -3.49
C ARG B 70 -21.21 14.15 -3.87
N GLY B 71 -20.88 14.34 -5.15
CA GLY B 71 -20.18 15.53 -5.63
C GLY B 71 -18.78 15.70 -5.07
N LEU B 72 -18.02 14.61 -4.93
CA LEU B 72 -16.66 14.68 -4.36
C LEU B 72 -15.73 13.98 -5.36
N ALA B 73 -14.41 14.08 -5.13
CA ALA B 73 -13.43 13.43 -6.06
C ALA B 73 -12.84 12.24 -5.33
N PRO B 74 -12.45 11.20 -6.09
CA PRO B 74 -11.78 10.10 -5.44
C PRO B 74 -10.33 10.53 -5.24
N LYS B 75 -9.74 9.88 -4.26
CA LYS B 75 -8.43 10.14 -3.85
C LYS B 75 -7.56 8.96 -4.28
N PHE B 76 -6.44 9.31 -4.89
CA PHE B 76 -5.30 8.47 -5.16
C PHE B 76 -4.22 8.81 -4.17
N ASP B 77 -3.56 7.78 -3.59
CA ASP B 77 -2.47 8.01 -2.63
C ASP B 77 -1.20 7.57 -3.32
N THR B 78 -1.31 7.24 -4.61
CA THR B 78 -0.13 7.04 -5.49
C THR B 78 -0.45 7.39 -6.95
N THR B 79 0.56 7.45 -7.80
CA THR B 79 0.35 7.28 -9.21
C THR B 79 0.30 5.82 -9.63
N PHE B 80 -0.12 5.62 -10.88
CA PHE B 80 -0.24 4.29 -11.42
C PHE B 80 1.12 3.75 -11.58
N GLU B 81 2.03 4.62 -12.01
CA GLU B 81 3.44 4.23 -12.18
C GLU B 81 4.14 3.81 -10.92
N SER B 82 3.88 4.54 -9.85
CA SER B 82 4.55 4.26 -8.53
C SER B 82 3.75 3.32 -7.50
N ALA B 83 2.63 2.77 -7.95
CA ALA B 83 1.79 1.88 -7.14
C ALA B 83 2.52 0.53 -7.06
N ARG B 84 2.44 -0.14 -5.92
CA ARG B 84 3.01 -1.38 -5.73
C ARG B 84 1.95 -2.49 -5.70
N PRO B 85 2.22 -3.62 -6.31
CA PRO B 85 1.32 -4.74 -6.01
C PRO B 85 1.12 -5.01 -4.48
N THR B 86 -0.13 -5.33 -4.11
CA THR B 86 -0.45 -5.66 -2.80
C THR B 86 0.03 -7.04 -2.44
N GLN B 87 -0.04 -7.29 -1.16
CA GLN B 87 0.03 -8.68 -0.64
C GLN B 87 -0.87 -9.69 -1.41
N THR B 88 -2.11 -9.29 -1.72
CA THR B 88 -3.01 -10.13 -2.51
C THR B 88 -2.54 -10.38 -3.97
N HIS B 89 -2.00 -9.32 -4.59
CA HIS B 89 -1.35 -9.47 -5.91
C HIS B 89 -0.23 -10.53 -5.84
N MET B 90 0.60 -10.39 -4.85
CA MET B 90 1.75 -11.23 -4.78
C MET B 90 1.38 -12.66 -4.30
N ALA B 91 0.31 -12.82 -3.48
CA ALA B 91 -0.15 -14.20 -3.22
C ALA B 91 -0.64 -14.92 -4.47
N LEU B 92 -1.33 -14.21 -5.33
CA LEU B 92 -1.79 -14.79 -6.63
C LEU B 92 -0.62 -15.17 -7.50
N VAL B 93 0.46 -14.36 -7.53
CA VAL B 93 1.69 -14.78 -8.25
C VAL B 93 2.23 -16.16 -7.75
N GLN B 94 2.48 -16.28 -6.44
CA GLN B 94 2.78 -17.58 -5.82
C GLN B 94 1.84 -18.75 -6.05
N LEU B 95 0.55 -18.52 -5.97
CA LEU B 95 -0.40 -19.57 -6.17
C LEU B 95 -0.32 -20.03 -7.57
N GLU B 96 -0.14 -19.14 -8.51
CA GLU B 96 0.04 -19.64 -9.82
C GLU B 96 1.37 -20.37 -9.94
N ARG B 97 2.49 -19.93 -9.33
CA ARG B 97 3.72 -20.67 -9.71
CA ARG B 97 3.81 -20.60 -9.54
C ARG B 97 3.81 -22.01 -9.00
N VAL B 98 3.00 -22.25 -7.96
CA VAL B 98 2.99 -23.62 -7.40
C VAL B 98 1.86 -24.48 -8.02
N GLY B 99 1.26 -24.06 -9.13
CA GLY B 99 0.15 -24.79 -9.66
C GLY B 99 -1.21 -24.76 -8.94
N LEU B 100 -1.45 -23.91 -7.91
CA LEU B 100 -2.77 -23.88 -7.29
C LEU B 100 -3.76 -22.91 -7.90
N LEU B 101 -3.31 -22.14 -8.89
CA LEU B 101 -4.19 -21.24 -9.65
C LEU B 101 -4.15 -21.59 -11.11
N ARG B 102 -5.27 -21.89 -11.75
CA ARG B 102 -5.25 -22.23 -13.17
C ARG B 102 -5.33 -20.97 -14.03
N PHE B 103 -6.23 -20.04 -13.67
CA PHE B 103 -6.41 -18.87 -14.45
C PHE B 103 -6.86 -17.69 -13.62
N LEU B 104 -6.57 -16.49 -14.11
CA LEU B 104 -6.85 -15.30 -13.38
C LEU B 104 -7.62 -14.40 -14.25
N VAL B 105 -8.84 -14.09 -13.84
CA VAL B 105 -9.66 -13.06 -14.57
C VAL B 105 -9.79 -11.71 -13.87
N SER B 106 -9.39 -10.63 -14.52
CA SER B 106 -9.40 -9.35 -13.88
C SER B 106 -10.10 -8.24 -14.69
N GLN B 107 -10.93 -7.47 -13.99
CA GLN B 107 -11.56 -6.26 -14.48
C GLN B 107 -10.71 -5.04 -14.36
N ASN B 108 -9.52 -5.18 -13.76
CA ASN B 108 -8.74 -3.98 -13.37
C ASN B 108 -7.91 -3.52 -14.55
N VAL B 109 -7.92 -2.19 -14.70
CA VAL B 109 -7.08 -1.54 -15.70
C VAL B 109 -5.80 -0.97 -15.11
N ASP B 110 -5.59 -1.12 -13.79
CA ASP B 110 -4.38 -0.58 -13.11
C ASP B 110 -2.94 -1.08 -13.50
N GLY B 111 -2.81 -2.14 -14.27
CA GLY B 111 -1.55 -2.68 -14.68
C GLY B 111 -0.78 -3.56 -13.65
N LEU B 112 -1.30 -3.78 -12.45
CA LEU B 112 -0.53 -4.35 -11.39
C LEU B 112 -0.32 -5.88 -11.50
N HIS B 113 -1.31 -6.57 -12.04
CA HIS B 113 -1.16 -8.01 -12.17
C HIS B 113 0.05 -8.28 -13.05
N VAL B 114 0.10 -7.68 -14.22
CA VAL B 114 1.28 -7.81 -15.10
C VAL B 114 2.54 -7.33 -14.43
N ARG B 115 2.48 -6.16 -13.82
CA ARG B 115 3.75 -5.63 -13.27
C ARG B 115 4.27 -6.41 -12.05
N SER B 116 3.37 -7.09 -11.37
CA SER B 116 3.71 -8.07 -10.35
C SER B 116 4.50 -9.31 -10.77
N GLY B 117 4.54 -9.57 -12.10
CA GLY B 117 5.29 -10.65 -12.72
C GLY B 117 4.37 -11.80 -13.06
N PHE B 118 3.07 -11.63 -12.86
CA PHE B 118 2.13 -12.68 -13.12
C PHE B 118 2.13 -12.97 -14.64
N PRO B 119 2.20 -14.23 -15.00
CA PRO B 119 2.20 -14.58 -16.42
C PRO B 119 0.97 -14.23 -17.23
N ARG B 120 1.23 -13.50 -18.30
CA ARG B 120 0.24 -12.96 -19.20
C ARG B 120 -0.66 -14.10 -19.87
N ASP B 121 -0.07 -15.23 -20.18
CA ASP B 121 -0.88 -16.32 -20.71
C ASP B 121 -1.76 -17.00 -19.69
N LYS B 122 -1.77 -16.56 -18.43
CA LYS B 122 -2.82 -17.07 -17.53
C LYS B 122 -3.74 -15.96 -16.95
N LEU B 123 -3.77 -14.83 -17.66
CA LEU B 123 -4.49 -13.67 -17.31
C LEU B 123 -5.36 -13.18 -18.46
N ALA B 124 -6.58 -12.84 -18.11
CA ALA B 124 -7.48 -12.02 -18.92
C ALA B 124 -7.76 -10.68 -18.29
N GLU B 125 -7.43 -9.62 -19.04
CA GLU B 125 -7.55 -8.26 -18.58
C GLU B 125 -8.73 -7.78 -19.40
N LEU B 126 -9.88 -8.07 -18.87
CA LEU B 126 -11.11 -7.86 -19.57
C LEU B 126 -11.50 -6.42 -19.85
N HIS B 127 -11.00 -5.44 -19.09
CA HIS B 127 -11.36 -4.00 -19.37
C HIS B 127 -10.17 -3.22 -19.89
N GLY B 128 -9.04 -3.89 -20.09
CA GLY B 128 -7.81 -3.29 -20.64
C GLY B 128 -6.78 -3.06 -19.54
N ASN B 129 -5.74 -2.31 -19.88
CA ASN B 129 -4.56 -2.24 -19.06
C ASN B 129 -3.98 -0.94 -19.50
N MET B 130 -3.94 -0.01 -18.57
CA MET B 130 -3.50 1.36 -18.86
C MET B 130 -2.06 1.50 -19.32
N PHE B 131 -1.22 0.50 -19.07
CA PHE B 131 0.21 0.45 -19.62
C PHE B 131 0.39 -0.18 -20.99
N VAL B 132 -0.66 -0.79 -21.50
CA VAL B 132 -0.58 -1.61 -22.71
C VAL B 132 -1.18 -0.86 -23.85
N GLU B 133 -0.43 -0.75 -24.94
CA GLU B 133 -0.98 -0.31 -26.22
C GLU B 133 -0.78 -1.37 -27.29
N GLU B 134 -1.69 -1.33 -28.26
CA GLU B 134 -1.86 -2.42 -29.24
C GLU B 134 -1.96 -1.86 -30.67
N CYS B 135 -1.19 -2.44 -31.58
CA CYS B 135 -1.25 -2.09 -33.00
C CYS B 135 -2.62 -2.46 -33.65
N ALA B 136 -3.31 -1.42 -34.12
CA ALA B 136 -4.40 -1.51 -35.08
C ALA B 136 -4.15 -2.57 -36.18
N LYS B 137 -3.07 -2.41 -36.93
CA LYS B 137 -2.69 -3.38 -37.99
C LYS B 137 -2.37 -4.82 -37.53
N CYS B 138 -1.25 -5.10 -36.85
CA CYS B 138 -0.86 -6.55 -36.62
C CYS B 138 -1.27 -7.19 -35.26
N LYS B 139 -1.95 -6.39 -34.42
CA LYS B 139 -2.42 -6.78 -33.08
C LYS B 139 -1.34 -7.12 -32.03
N THR B 140 -0.09 -6.68 -32.30
CA THR B 140 0.98 -6.74 -31.32
C THR B 140 0.63 -5.80 -30.16
N GLN B 141 0.88 -6.32 -28.93
CA GLN B 141 0.86 -5.52 -27.68
C GLN B 141 2.24 -5.09 -27.20
N TYR B 142 2.26 -3.89 -26.64
CA TYR B 142 3.45 -3.28 -26.10
C TYR B 142 3.13 -2.94 -24.66
N VAL B 143 3.89 -3.51 -23.74
CA VAL B 143 3.58 -3.26 -22.33
C VAL B 143 4.62 -2.25 -21.96
N ARG B 144 4.13 -1.02 -21.67
CA ARG B 144 4.98 0.12 -21.41
C ARG B 144 5.32 0.31 -19.91
N ASP B 145 6.33 1.12 -19.66
CA ASP B 145 6.75 1.45 -18.29
C ASP B 145 6.04 2.64 -17.71
N THR B 146 5.28 3.37 -18.52
CA THR B 146 4.41 4.42 -18.01
C THR B 146 3.04 4.29 -18.65
N VAL B 147 2.03 5.01 -18.13
CA VAL B 147 0.68 4.71 -18.63
C VAL B 147 0.52 5.40 -19.99
N VAL B 148 -0.12 4.67 -20.89
CA VAL B 148 -0.39 5.14 -22.23
C VAL B 148 -1.42 6.27 -22.01
N GLY B 149 -1.23 7.39 -22.67
CA GLY B 149 -1.95 8.60 -22.26
C GLY B 149 -3.41 8.75 -22.61
N THR B 150 -3.92 7.88 -23.47
CA THR B 150 -5.31 7.91 -23.90
C THR B 150 -6.17 6.84 -23.22
N MET B 151 -7.47 7.05 -23.36
CA MET B 151 -8.55 6.20 -22.90
C MET B 151 -9.51 5.91 -24.07
N GLY B 152 -10.22 4.79 -24.04
CA GLY B 152 -11.30 4.55 -25.00
C GLY B 152 -10.85 4.17 -26.40
N LEU B 153 -9.83 3.32 -26.49
CA LEU B 153 -9.35 2.71 -27.71
C LEU B 153 -8.78 3.67 -28.79
N LYS B 154 -8.25 4.84 -28.37
CA LYS B 154 -7.76 5.88 -29.34
C LYS B 154 -6.25 5.80 -29.65
N ALA B 155 -5.79 6.57 -30.66
CA ALA B 155 -4.39 6.58 -31.08
C ALA B 155 -3.56 7.36 -30.07
N THR B 156 -2.44 6.73 -29.73
CA THR B 156 -1.57 7.20 -28.64
C THR B 156 -0.58 8.13 -29.31
N GLY B 157 -0.42 7.94 -30.64
CA GLY B 157 0.50 8.73 -31.46
C GLY B 157 1.77 7.99 -31.75
N ARG B 158 1.95 6.78 -31.20
CA ARG B 158 3.12 5.95 -31.47
C ARG B 158 2.85 4.90 -32.53
N LEU B 159 3.93 4.38 -33.09
CA LEU B 159 3.85 3.44 -34.18
C LEU B 159 4.55 2.11 -33.89
N CYS B 160 4.02 1.09 -34.52
CA CYS B 160 4.50 -0.28 -34.42
C CYS B 160 5.89 -0.48 -35.02
N THR B 161 6.70 -1.34 -34.41
CA THR B 161 8.12 -1.52 -34.79
C THR B 161 8.50 -2.91 -35.28
N VAL B 162 7.49 -3.76 -35.46
CA VAL B 162 7.63 -5.18 -35.94
C VAL B 162 8.10 -5.11 -37.42
N ALA B 163 8.91 -6.08 -37.83
CA ALA B 163 9.86 -5.90 -38.97
C ALA B 163 9.27 -5.69 -40.41
N CYS B 171 6.29 -2.41 -40.02
CA CYS B 171 4.82 -2.47 -39.98
C CYS B 171 4.20 -1.07 -39.97
N ARG B 172 4.70 -0.28 -39.03
CA ARG B 172 4.41 1.16 -38.91
C ARG B 172 2.97 1.60 -38.53
N GLY B 173 2.05 0.65 -38.27
CA GLY B 173 0.64 0.96 -37.91
C GLY B 173 0.43 1.78 -36.62
N GLU B 174 -0.74 2.44 -36.49
CA GLU B 174 -1.05 3.27 -35.28
C GLU B 174 -1.31 2.31 -34.12
N LEU B 175 -0.72 2.65 -32.97
CA LEU B 175 -0.93 2.02 -31.69
C LEU B 175 -2.06 2.76 -30.98
N ARG B 176 -2.89 1.98 -30.31
CA ARG B 176 -3.99 2.52 -29.53
C ARG B 176 -4.01 1.96 -28.10
N ASP B 177 -4.64 2.72 -27.18
CA ASP B 177 -4.81 2.22 -25.81
C ASP B 177 -5.70 1.03 -25.95
N THR B 178 -5.73 0.19 -24.90
CA THR B 178 -6.67 -0.90 -24.66
C THR B 178 -7.78 -0.62 -23.64
N ILE B 179 -7.95 0.63 -23.27
CA ILE B 179 -8.92 0.95 -22.24
C ILE B 179 -10.29 1.07 -22.93
N LEU B 180 -11.22 0.15 -22.57
CA LEU B 180 -12.63 0.20 -23.02
C LEU B 180 -13.33 1.40 -22.44
N ASP B 181 -14.16 2.07 -23.26
CA ASP B 181 -15.21 3.03 -22.75
C ASP B 181 -16.52 2.27 -22.65
N TRP B 182 -17.56 2.89 -22.08
CA TRP B 182 -18.92 2.30 -22.12
C TRP B 182 -19.34 2.01 -23.56
N GLU B 183 -19.97 0.86 -23.78
CA GLU B 183 -20.43 0.45 -25.11
C GLU B 183 -19.34 0.09 -26.09
N ASP B 184 -18.08 -0.12 -25.64
CA ASP B 184 -17.08 -0.90 -26.43
C ASP B 184 -17.31 -2.37 -26.04
N SER B 185 -17.08 -3.30 -26.96
CA SER B 185 -17.10 -4.71 -26.61
C SER B 185 -15.76 -5.12 -25.92
N LEU B 186 -15.87 -6.09 -24.99
CA LEU B 186 -14.70 -6.78 -24.35
C LEU B 186 -13.75 -7.43 -25.39
N PRO B 187 -12.47 -7.63 -25.03
CA PRO B 187 -11.62 -8.27 -26.03
C PRO B 187 -11.98 -9.72 -26.12
N ASP B 188 -12.15 -10.19 -27.35
CA ASP B 188 -12.68 -11.51 -27.57
C ASP B 188 -11.71 -12.57 -27.12
N ARG B 189 -10.42 -12.39 -27.35
CA ARG B 189 -9.44 -13.40 -26.92
C ARG B 189 -9.58 -13.60 -25.41
N ASP B 190 -9.39 -12.49 -24.67
CA ASP B 190 -9.45 -12.44 -23.18
C ASP B 190 -10.78 -12.94 -22.67
N LEU B 191 -11.86 -12.52 -23.33
CA LEU B 191 -13.20 -12.92 -22.92
C LEU B 191 -13.42 -14.41 -23.16
N ALA B 192 -12.86 -14.90 -24.26
CA ALA B 192 -13.03 -16.30 -24.60
C ALA B 192 -12.24 -17.15 -23.61
N LEU B 193 -11.01 -16.74 -23.30
CA LEU B 193 -10.21 -17.57 -22.41
C LEU B 193 -10.77 -17.54 -20.98
N ALA B 194 -11.15 -16.35 -20.51
CA ALA B 194 -11.88 -16.19 -19.22
C ALA B 194 -13.14 -17.03 -19.09
N ASP B 195 -13.91 -17.06 -20.17
CA ASP B 195 -15.16 -17.79 -20.17
C ASP B 195 -14.85 -19.26 -20.17
N GLU B 196 -13.87 -19.65 -20.96
CA GLU B 196 -13.50 -21.08 -20.97
C GLU B 196 -12.96 -21.55 -19.61
N ALA B 197 -12.11 -20.71 -18.98
CA ALA B 197 -11.56 -21.04 -17.67
C ALA B 197 -12.70 -21.15 -16.65
N SER B 198 -13.65 -20.21 -16.72
CA SER B 198 -14.77 -20.18 -15.76
C SER B 198 -15.72 -21.41 -15.88
N ARG B 199 -16.01 -21.81 -17.11
CA ARG B 199 -16.78 -23.06 -17.34
C ARG B 199 -16.01 -24.29 -16.75
N ASN B 200 -14.72 -24.33 -16.98
CA ASN B 200 -13.93 -25.50 -16.58
C ASN B 200 -13.58 -25.59 -15.13
N ALA B 201 -13.72 -24.51 -14.37
CA ALA B 201 -13.26 -24.52 -13.00
C ALA B 201 -14.15 -25.34 -12.14
N ASP B 202 -13.60 -25.91 -11.11
CA ASP B 202 -14.43 -26.47 -10.03
C ASP B 202 -14.38 -25.60 -8.76
N LEU B 203 -13.55 -24.54 -8.77
CA LEU B 203 -13.66 -23.47 -7.76
C LEU B 203 -13.46 -22.10 -8.41
N SER B 204 -14.33 -21.15 -8.17
CA SER B 204 -14.12 -19.76 -8.65
C SER B 204 -14.21 -18.92 -7.44
N ILE B 205 -13.19 -18.10 -7.24
CA ILE B 205 -13.05 -17.29 -6.03
C ILE B 205 -13.02 -15.86 -6.57
N THR B 206 -13.87 -14.96 -6.03
CA THR B 206 -13.86 -13.52 -6.38
C THR B 206 -13.22 -12.64 -5.29
N LEU B 207 -12.43 -11.60 -5.70
CA LEU B 207 -11.60 -10.84 -4.75
C LEU B 207 -11.85 -9.40 -5.01
N GLY B 208 -12.55 -8.66 -4.08
CA GLY B 208 -12.71 -7.18 -4.25
C GLY B 208 -13.36 -6.76 -5.53
N THR B 209 -14.38 -7.49 -5.93
CA THR B 209 -15.28 -7.06 -6.98
C THR B 209 -16.77 -7.14 -6.45
N SER B 210 -17.59 -6.15 -6.84
CA SER B 210 -19.03 -6.22 -6.50
C SER B 210 -19.83 -7.02 -7.52
N LEU B 211 -19.18 -7.47 -8.62
CA LEU B 211 -19.78 -8.37 -9.66
C LEU B 211 -21.02 -7.78 -10.39
N GLN B 212 -21.02 -6.46 -10.57
CA GLN B 212 -22.13 -5.70 -11.11
C GLN B 212 -22.09 -5.49 -12.60
N ILE B 213 -20.89 -5.61 -13.19
CA ILE B 213 -20.76 -5.34 -14.60
C ILE B 213 -20.91 -6.67 -15.40
N ARG B 214 -21.67 -6.64 -16.51
CA ARG B 214 -21.81 -7.80 -17.41
C ARG B 214 -20.92 -7.65 -18.64
N PRO B 215 -20.28 -8.71 -19.08
CA PRO B 215 -20.38 -10.05 -18.60
C PRO B 215 -19.36 -10.42 -17.50
N SER B 216 -18.49 -9.50 -17.14
CA SER B 216 -17.38 -9.78 -16.22
C SER B 216 -17.84 -10.38 -14.91
N GLY B 217 -18.82 -9.68 -14.33
CA GLY B 217 -19.45 -10.02 -13.05
C GLY B 217 -20.14 -11.35 -12.97
N ASN B 218 -20.63 -11.84 -14.12
CA ASN B 218 -21.22 -13.19 -14.21
C ASN B 218 -20.33 -14.38 -14.58
N LEU B 219 -19.14 -14.14 -15.15
CA LEU B 219 -18.18 -15.25 -15.33
C LEU B 219 -18.14 -16.23 -14.16
N PRO B 220 -17.95 -15.75 -12.90
CA PRO B 220 -17.88 -16.71 -11.80
C PRO B 220 -19.11 -17.62 -11.64
N LEU B 221 -20.31 -17.10 -11.92
CA LEU B 221 -21.49 -17.93 -11.94
C LEU B 221 -21.48 -19.08 -12.92
N ALA B 222 -20.80 -18.96 -14.04
CA ALA B 222 -20.59 -20.13 -14.93
C ALA B 222 -19.98 -21.35 -14.22
N THR B 223 -19.20 -21.10 -13.17
CA THR B 223 -18.49 -22.16 -12.43
C THR B 223 -19.56 -23.04 -11.69
N LYS B 224 -20.64 -22.41 -11.29
CA LYS B 224 -21.78 -23.15 -10.71
C LYS B 224 -22.45 -24.20 -11.62
N ARG B 225 -22.30 -24.03 -12.94
CA ARG B 225 -22.95 -24.82 -14.00
C ARG B 225 -22.74 -26.31 -13.97
N ARG B 226 -21.52 -26.77 -13.70
CA ARG B 226 -21.27 -28.22 -13.60
C ARG B 226 -20.91 -28.48 -12.14
N GLY B 227 -21.57 -27.75 -11.24
CA GLY B 227 -21.57 -28.10 -9.85
C GLY B 227 -20.33 -27.67 -9.13
N GLY B 228 -19.59 -26.78 -9.78
CA GLY B 228 -18.42 -26.19 -9.15
C GLY B 228 -18.80 -25.21 -8.06
N ARG B 229 -17.87 -24.99 -7.13
CA ARG B 229 -18.11 -24.07 -6.04
C ARG B 229 -17.67 -22.71 -6.40
N LEU B 230 -18.23 -21.77 -5.62
CA LEU B 230 -18.06 -20.33 -5.80
C LEU B 230 -17.80 -19.68 -4.43
N VAL B 231 -16.69 -18.91 -4.33
CA VAL B 231 -16.36 -18.16 -3.13
C VAL B 231 -16.32 -16.65 -3.54
N ILE B 232 -16.97 -15.82 -2.74
CA ILE B 232 -16.92 -14.38 -2.84
C ILE B 232 -16.23 -13.72 -1.61
N VAL B 233 -15.17 -12.93 -1.86
CA VAL B 233 -14.45 -12.21 -0.79
C VAL B 233 -14.59 -10.74 -1.10
N ASN B 234 -15.23 -10.02 -0.21
CA ASN B 234 -15.59 -8.64 -0.54
C ASN B 234 -16.13 -8.02 0.73
N LEU B 235 -15.92 -6.73 0.86
CA LEU B 235 -16.34 -5.95 2.01
C LEU B 235 -17.84 -5.54 1.96
N GLN B 236 -18.35 -5.32 0.76
CA GLN B 236 -19.75 -5.01 0.57
C GLN B 236 -20.50 -6.23 -0.01
N PRO B 237 -21.83 -6.09 0.01
CA PRO B 237 -22.64 -6.96 -0.81
C PRO B 237 -22.27 -6.95 -2.29
N THR B 238 -22.38 -8.11 -2.88
CA THR B 238 -22.16 -8.33 -4.31
C THR B 238 -23.47 -8.85 -4.87
N LYS B 239 -23.75 -8.51 -6.14
CA LYS B 239 -24.97 -8.94 -6.86
C LYS B 239 -25.24 -10.46 -6.65
N HIS B 240 -24.21 -11.28 -6.48
CA HIS B 240 -24.40 -12.70 -6.62
C HIS B 240 -24.18 -13.37 -5.30
N ASP B 241 -24.21 -12.63 -4.20
CA ASP B 241 -24.09 -13.25 -2.89
C ASP B 241 -24.90 -14.53 -2.66
N ARG B 242 -26.16 -14.52 -3.11
CA ARG B 242 -27.07 -15.64 -3.02
C ARG B 242 -26.54 -16.91 -3.66
N HIS B 243 -25.83 -16.82 -4.78
CA HIS B 243 -25.32 -17.99 -5.52
C HIS B 243 -23.98 -18.57 -4.93
N ALA B 244 -23.25 -17.82 -4.12
CA ALA B 244 -21.98 -18.33 -3.53
C ALA B 244 -22.14 -19.42 -2.47
N ASP B 245 -21.16 -20.27 -2.35
CA ASP B 245 -21.16 -21.29 -1.28
C ASP B 245 -20.46 -20.79 -0.03
N LEU B 246 -19.78 -19.63 -0.10
CA LEU B 246 -19.01 -19.07 1.01
C LEU B 246 -18.76 -17.60 0.68
N ARG B 247 -19.07 -16.72 1.60
CA ARG B 247 -18.93 -15.30 1.39
C ARG B 247 -18.11 -14.92 2.55
N ILE B 248 -17.11 -14.07 2.30
CA ILE B 248 -16.08 -13.77 3.35
C ILE B 248 -15.96 -12.29 3.33
N HIS B 249 -16.49 -11.65 4.37
CA HIS B 249 -16.53 -10.20 4.49
C HIS B 249 -15.34 -9.78 5.29
N GLY B 250 -14.33 -9.28 4.62
CA GLY B 250 -13.01 -9.04 5.25
C GLY B 250 -12.06 -8.36 4.24
N TYR B 251 -11.02 -7.73 4.73
CA TYR B 251 -9.99 -7.15 3.88
C TYR B 251 -9.29 -8.26 3.14
N VAL B 252 -9.28 -8.19 1.81
CA VAL B 252 -8.69 -9.33 0.99
C VAL B 252 -7.23 -9.61 1.40
N ASP B 253 -6.44 -8.57 1.64
CA ASP B 253 -5.10 -8.79 2.14
C ASP B 253 -5.05 -9.68 3.38
N GLU B 254 -5.93 -9.45 4.34
CA GLU B 254 -6.04 -10.29 5.51
C GLU B 254 -6.38 -11.73 5.15
N VAL B 255 -7.43 -11.89 4.33
CA VAL B 255 -7.98 -13.19 3.84
C VAL B 255 -6.85 -13.96 3.17
N MET B 256 -6.15 -13.26 2.28
CA MET B 256 -5.13 -13.94 1.49
C MET B 256 -3.92 -14.27 2.34
N THR B 257 -3.51 -13.41 3.25
CA THR B 257 -2.39 -13.73 4.11
C THR B 257 -2.67 -14.97 4.95
N ARG B 258 -3.90 -15.05 5.51
CA ARG B 258 -4.26 -16.20 6.34
C ARG B 258 -4.33 -17.39 5.52
N LEU B 259 -4.89 -17.23 4.34
CA LEU B 259 -5.08 -18.34 3.45
C LEU B 259 -3.69 -18.96 3.06
N MET B 260 -2.73 -18.12 2.70
CA MET B 260 -1.40 -18.61 2.34
C MET B 260 -0.62 -19.29 3.45
N LYS B 261 -0.81 -18.82 4.68
CA LYS B 261 -0.20 -19.44 5.85
C LYS B 261 -0.84 -20.80 6.15
N HIS B 262 -2.15 -20.94 5.98
CA HIS B 262 -2.73 -22.31 5.99
C HIS B 262 -2.19 -23.21 4.89
N LEU B 263 -1.88 -22.60 3.79
CA LEU B 263 -1.47 -23.42 2.73
C LEU B 263 0.05 -23.70 2.81
N GLY B 264 0.82 -23.03 3.69
CA GLY B 264 2.19 -23.26 3.93
C GLY B 264 3.01 -22.61 2.85
N LEU B 265 2.46 -21.57 2.22
CA LEU B 265 3.17 -20.83 1.20
C LEU B 265 3.48 -19.45 1.65
N GLU B 266 4.63 -18.99 1.19
CA GLU B 266 5.15 -17.68 1.41
C GLU B 266 4.56 -16.72 0.35
N ILE B 267 4.45 -15.46 0.69
CA ILE B 267 4.11 -14.37 -0.28
C ILE B 267 5.47 -13.78 -0.76
N PRO B 268 5.77 -13.99 -2.03
CA PRO B 268 7.06 -13.62 -2.55
C PRO B 268 7.24 -12.10 -2.63
N ALA B 269 8.51 -11.75 -2.59
CA ALA B 269 9.04 -10.43 -2.72
C ALA B 269 8.77 -9.86 -4.10
N TRP B 270 8.43 -8.59 -4.20
CA TRP B 270 8.27 -7.98 -5.49
C TRP B 270 9.62 -7.39 -5.88
N ASP B 271 10.13 -7.85 -7.01
CA ASP B 271 11.35 -7.29 -7.62
C ASP B 271 11.25 -5.89 -8.22
N GLY B 272 10.09 -5.22 -8.18
CA GLY B 272 9.81 -4.01 -9.03
C GLY B 272 9.11 -4.46 -10.32
N PRO B 273 8.74 -3.54 -11.26
CA PRO B 273 7.99 -3.89 -12.51
C PRO B 273 8.70 -4.79 -13.44
N ARG B 274 8.00 -5.82 -13.84
CA ARG B 274 8.58 -6.95 -14.57
C ARG B 274 7.42 -7.52 -15.32
N VAL B 275 7.64 -7.96 -16.55
CA VAL B 275 6.52 -8.49 -17.41
C VAL B 275 6.95 -9.87 -17.79
N LEU B 276 6.05 -10.81 -17.61
CA LEU B 276 6.27 -12.21 -17.96
C LEU B 276 5.22 -12.71 -18.90
N GLU B 277 5.63 -13.18 -20.08
CA GLU B 277 4.68 -13.50 -21.15
C GLU B 277 4.10 -14.81 -20.89
N ARG B 278 4.92 -15.76 -20.40
CA ARG B 278 4.51 -17.17 -20.35
C ARG B 278 4.80 -17.79 -19.02
N ALA B 279 3.79 -18.53 -18.58
CA ALA B 279 3.81 -19.21 -17.32
C ALA B 279 4.99 -20.19 -17.39
N LEU B 280 5.77 -20.29 -16.33
CA LEU B 280 6.88 -21.25 -16.27
C LEU B 280 6.30 -22.54 -15.77
N PRO B 281 7.08 -23.61 -15.86
CA PRO B 281 6.56 -24.79 -15.18
C PRO B 281 6.46 -24.65 -13.62
N PRO B 282 5.44 -25.25 -13.02
CA PRO B 282 5.14 -25.42 -11.56
C PRO B 282 6.30 -25.77 -10.55
N LEU B 283 6.36 -25.01 -9.43
CA LEU B 283 7.39 -25.22 -8.44
C LEU B 283 6.87 -26.24 -7.48
N PRO B 284 7.76 -26.83 -6.66
CA PRO B 284 7.27 -27.76 -5.70
C PRO B 284 6.30 -27.03 -4.76
N ARG B 285 5.26 -27.74 -4.31
CA ARG B 285 4.45 -27.17 -3.23
C ARG B 285 4.31 -28.09 -2.03
N PRO B 286 3.71 -27.55 -0.91
CA PRO B 286 3.58 -28.46 0.25
C PRO B 286 2.73 -29.68 -0.02
N PRO B 287 3.02 -30.83 0.62
CA PRO B 287 1.99 -31.89 0.56
C PRO B 287 0.62 -31.47 1.23
N THR B 288 -0.47 -32.15 0.85
CA THR B 288 -1.86 -31.62 1.07
C THR B 288 -2.38 -32.33 2.31
N PRO B 289 -3.07 -31.64 3.22
CA PRO B 289 -3.68 -32.37 4.38
C PRO B 289 -4.72 -33.44 4.05
N LYS B 290 -5.19 -34.17 5.06
CA LYS B 290 -6.14 -35.29 4.82
C LYS B 290 -7.56 -34.75 4.73
#